data_7C9P
#
_entry.id   7C9P
#
_cell.length_a   89.267
_cell.length_b   89.267
_cell.length_c   81.341
_cell.angle_alpha   90.000
_cell.angle_beta   90.000
_cell.angle_gamma   120.000
#
_symmetry.space_group_name_H-M   'P 61'
#
loop_
_entity.id
_entity.type
_entity.pdbx_description
1 polymer 'Nuclear transcription factor Y subunit B-11'
2 polymer 'Nuclear transcription factor Y subunit C-2'
3 water water
#
loop_
_entity_poly.entity_id
_entity_poly.type
_entity_poly.pdbx_seq_one_letter_code
_entity_poly.pdbx_strand_id
1 'polypeptide(L)'
;MSPAKEQDRFLPIANVSRIMKRSLPANAKISKEAKETVQECVSEFISFVTGEASDKCQREKRKTINGDDLLWAMTTLGFE
AYVGPLKSYLNRYRE
;
A,C
2 'polypeptide(L)'
;HMQEAERASASDFKNHQLPLARIKKIMKADEDVRMISAEAPVLFAKACELFILELTIRSWLHAEENKRRTLQRNDVAAAI
ARTDVFDFLVDIVPREEAKEEPGS
;
B,D
#
# COMPACT_ATOMS: atom_id res chain seq x y z
N GLN A 7 -4.21 29.81 -4.23
CA GLN A 7 -3.64 28.50 -3.95
C GLN A 7 -3.48 28.29 -2.45
N ASP A 8 -4.60 28.03 -1.77
CA ASP A 8 -4.51 27.71 -0.33
C ASP A 8 -5.63 26.78 0.12
N ARG A 9 -6.46 26.27 -0.79
CA ARG A 9 -7.29 25.10 -0.56
C ARG A 9 -6.47 23.81 -0.56
N PHE A 10 -5.17 23.91 -0.79
CA PHE A 10 -4.31 22.77 -1.10
C PHE A 10 -3.18 22.68 -0.10
N LEU A 11 -2.63 21.47 0.02
CA LEU A 11 -1.33 21.33 0.65
C LEU A 11 -0.29 22.06 -0.19
N PRO A 12 0.81 22.54 0.43
CA PRO A 12 1.79 23.32 -0.33
C PRO A 12 2.42 22.51 -1.45
N ILE A 13 2.68 23.17 -2.58
CA ILE A 13 3.05 22.44 -3.79
C ILE A 13 4.41 21.76 -3.64
N ALA A 14 5.37 22.42 -2.96
CA ALA A 14 6.71 21.85 -2.82
C ALA A 14 6.70 20.60 -1.95
N ASN A 15 5.91 20.60 -0.87
CA ASN A 15 5.82 19.43 0.00
C ASN A 15 5.27 18.23 -0.76
N VAL A 16 4.18 18.43 -1.51
CA VAL A 16 3.62 17.38 -2.35
C VAL A 16 4.66 16.89 -3.34
N SER A 17 5.31 17.82 -4.05
CA SER A 17 6.29 17.48 -5.08
C SER A 17 7.52 16.76 -4.53
N ARG A 18 7.97 17.14 -3.33
CA ARG A 18 9.08 16.42 -2.72
C ARG A 18 8.73 14.95 -2.51
N ILE A 19 7.50 14.66 -2.09
CA ILE A 19 7.07 13.28 -1.91
C ILE A 19 6.98 12.56 -3.26
N MET A 20 6.39 13.22 -4.25
CA MET A 20 6.36 12.68 -5.60
C MET A 20 7.76 12.26 -6.05
N LYS A 21 8.73 13.15 -5.88
CA LYS A 21 10.08 12.90 -6.39
C LYS A 21 10.69 11.67 -5.75
N ARG A 22 10.37 11.40 -4.48
CA ARG A 22 10.92 10.23 -3.78
C ARG A 22 10.50 8.90 -4.40
N SER A 23 9.40 8.86 -5.14
CA SER A 23 8.97 7.60 -5.71
C SER A 23 9.58 7.32 -7.07
N LEU A 24 10.35 8.25 -7.62
CA LEU A 24 10.82 8.19 -9.00
C LEU A 24 12.33 8.00 -9.07
N PRO A 25 12.86 7.55 -10.21
CA PRO A 25 14.32 7.56 -10.42
C PRO A 25 14.87 8.96 -10.21
N ALA A 26 16.15 9.02 -9.82
CA ALA A 26 16.78 10.29 -9.48
C ALA A 26 16.81 11.24 -10.67
N ASN A 27 16.83 10.72 -11.89
CA ASN A 27 16.87 11.59 -13.07
C ASN A 27 15.49 11.84 -13.67
N ALA A 28 14.42 11.38 -13.02
CA ALA A 28 13.08 11.70 -13.48
C ALA A 28 12.80 13.19 -13.37
N LYS A 29 12.00 13.70 -14.31
CA LYS A 29 11.55 15.07 -14.25
C LYS A 29 10.04 15.09 -14.06
N ILE A 30 9.55 16.10 -13.33
CA ILE A 30 8.12 16.24 -13.08
C ILE A 30 7.71 17.62 -13.56
N SER A 31 6.75 17.67 -14.46
CA SER A 31 6.31 18.96 -14.97
C SER A 31 5.49 19.70 -13.92
N LYS A 32 5.46 21.02 -14.04
CA LYS A 32 4.73 21.81 -13.06
C LYS A 32 3.24 21.44 -13.09
N GLU A 33 2.69 21.17 -14.28
CA GLU A 33 1.27 20.80 -14.34
C GLU A 33 1.00 19.46 -13.67
N ALA A 34 1.92 18.50 -13.78
CA ALA A 34 1.75 17.25 -13.04
C ALA A 34 1.75 17.49 -11.53
N LYS A 35 2.66 18.36 -11.05
CA LYS A 35 2.70 18.63 -9.61
C LYS A 35 1.39 19.26 -9.16
N GLU A 36 0.92 20.27 -9.90
CA GLU A 36 -0.36 20.92 -9.59
C GLU A 36 -1.51 19.92 -9.63
N THR A 37 -1.49 19.00 -10.59
CA THR A 37 -2.54 17.98 -10.66
C THR A 37 -2.55 17.12 -9.41
N VAL A 38 -1.39 16.60 -9.03
CA VAL A 38 -1.34 15.73 -7.85
C VAL A 38 -1.71 16.51 -6.60
N GLN A 39 -1.28 17.76 -6.53
CA GLN A 39 -1.68 18.62 -5.42
C GLN A 39 -3.19 18.69 -5.29
N GLU A 40 -3.90 18.90 -6.41
CA GLU A 40 -5.36 18.91 -6.36
C GLU A 40 -5.95 17.55 -5.97
N CYS A 41 -5.35 16.47 -6.46
CA CYS A 41 -5.83 15.12 -6.15
C CYS A 41 -5.71 14.82 -4.66
N VAL A 42 -4.65 15.31 -4.01
CA VAL A 42 -4.47 15.05 -2.58
C VAL A 42 -5.57 15.70 -1.76
N SER A 43 -5.97 16.92 -2.13
CA SER A 43 -7.08 17.56 -1.42
C SER A 43 -8.38 16.81 -1.65
N GLU A 44 -8.60 16.28 -2.86
CA GLU A 44 -9.81 15.48 -3.09
C GLU A 44 -9.77 14.20 -2.27
N PHE A 45 -8.58 13.60 -2.13
CA PHE A 45 -8.41 12.41 -1.30
C PHE A 45 -8.85 12.68 0.14
N ILE A 46 -8.38 13.79 0.70
CA ILE A 46 -8.76 14.15 2.06
C ILE A 46 -10.27 14.35 2.17
N SER A 47 -10.85 15.09 1.23
CA SER A 47 -12.30 15.35 1.29
C SER A 47 -13.10 14.07 1.12
N PHE A 48 -12.68 13.22 0.19
CA PHE A 48 -13.36 11.96 -0.08
C PHE A 48 -13.36 11.07 1.17
N VAL A 49 -12.17 10.83 1.73
CA VAL A 49 -12.06 9.97 2.90
C VAL A 49 -12.74 10.57 4.12
N THR A 50 -12.65 11.90 4.29
CA THR A 50 -13.28 12.55 5.43
C THR A 50 -14.81 12.40 5.38
N GLY A 51 -15.40 12.53 4.20
CA GLY A 51 -16.85 12.41 4.13
C GLY A 51 -17.31 11.06 4.62
N GLU A 52 -16.60 10.00 4.22
CA GLU A 52 -16.91 8.65 4.68
C GLU A 52 -16.70 8.51 6.19
N ALA A 53 -15.55 8.97 6.69
CA ALA A 53 -15.30 8.87 8.14
C ALA A 53 -16.31 9.68 8.94
N SER A 54 -16.73 10.83 8.40
CA SER A 54 -17.77 11.63 9.03
C SER A 54 -19.09 10.87 9.15
N ASP A 55 -19.50 10.17 8.09
CA ASP A 55 -20.72 9.38 8.16
C ASP A 55 -20.62 8.32 9.24
N LYS A 56 -19.44 7.68 9.34
CA LYS A 56 -19.20 6.70 10.38
C LYS A 56 -19.29 7.32 11.77
N CYS A 57 -18.56 8.42 11.98
CA CYS A 57 -18.56 9.09 13.27
C CYS A 57 -19.97 9.50 13.69
N GLN A 58 -20.77 9.96 12.74
CA GLN A 58 -22.11 10.43 13.08
C GLN A 58 -23.08 9.28 13.31
N ARG A 59 -22.96 8.22 12.50
CA ARG A 59 -23.80 7.04 12.68
C ARG A 59 -23.65 6.45 14.08
N GLU A 60 -22.43 6.49 14.62
CA GLU A 60 -22.15 5.96 15.93
C GLU A 60 -22.31 7.01 17.02
N LYS A 61 -22.98 8.12 16.71
CA LYS A 61 -23.38 9.11 17.72
C LYS A 61 -22.17 9.73 18.43
N ARG A 62 -21.07 9.90 17.72
CA ARG A 62 -19.92 10.59 18.28
C ARG A 62 -19.73 11.96 17.64
N LYS A 63 -18.94 12.80 18.32
CA LYS A 63 -18.74 14.19 17.95
C LYS A 63 -17.41 14.42 17.25
N THR A 64 -16.46 13.50 17.39
CA THR A 64 -15.07 13.75 17.01
C THR A 64 -14.62 12.67 16.05
N ILE A 65 -14.17 13.09 14.87
CA ILE A 65 -13.52 12.17 13.95
C ILE A 65 -12.18 11.78 14.54
N ASN A 66 -11.94 10.48 14.67
CA ASN A 66 -10.67 10.00 15.20
C ASN A 66 -9.97 9.15 14.13
N GLY A 67 -8.86 8.54 14.52
CA GLY A 67 -8.06 7.79 13.56
C GLY A 67 -8.72 6.50 13.13
N ASP A 68 -9.46 5.85 14.04
CA ASP A 68 -10.19 4.66 13.66
C ASP A 68 -11.26 4.96 12.62
N ASP A 69 -11.90 6.14 12.73
CA ASP A 69 -12.87 6.53 11.71
C ASP A 69 -12.21 6.62 10.34
N LEU A 70 -11.01 7.21 10.29
CA LEU A 70 -10.31 7.32 9.01
C LEU A 70 -9.92 5.95 8.48
N LEU A 71 -9.43 5.07 9.35
CA LEU A 71 -9.00 3.75 8.90
C LEU A 71 -10.19 2.98 8.34
N TRP A 72 -11.33 3.05 9.02
CA TRP A 72 -12.55 2.42 8.51
C TRP A 72 -12.94 3.01 7.17
N ALA A 73 -12.86 4.34 7.04
CA ALA A 73 -13.20 5.00 5.80
C ALA A 73 -12.29 4.55 4.66
N MET A 74 -10.99 4.43 4.92
CA MET A 74 -10.08 4.02 3.86
C MET A 74 -10.34 2.58 3.42
N THR A 75 -10.65 1.72 4.39
CA THR A 75 -11.02 0.34 4.08
C THR A 75 -12.26 0.30 3.19
N THR A 76 -13.33 0.98 3.62
CA THR A 76 -14.57 1.05 2.84
C THR A 76 -14.34 1.56 1.43
N LEU A 77 -13.53 2.61 1.27
CA LEU A 77 -13.34 3.21 -0.04
C LEU A 77 -12.29 2.50 -0.89
N GLY A 78 -11.74 1.38 -0.42
CA GLY A 78 -10.86 0.58 -1.25
C GLY A 78 -9.36 0.85 -1.12
N PHE A 79 -8.94 1.59 -0.09
CA PHE A 79 -7.51 1.80 0.12
C PHE A 79 -6.93 0.77 1.08
N GLU A 80 -7.31 -0.51 0.95
CA GLU A 80 -6.91 -1.52 1.90
C GLU A 80 -5.40 -1.68 1.98
N ALA A 81 -4.68 -1.41 0.88
CA ALA A 81 -3.23 -1.53 0.91
C ALA A 81 -2.56 -0.56 1.90
N TYR A 82 -3.24 0.54 2.26
CA TYR A 82 -2.66 1.50 3.22
C TYR A 82 -3.03 1.20 4.66
N VAL A 83 -4.11 0.46 4.88
CA VAL A 83 -4.74 0.47 6.20
C VAL A 83 -3.87 -0.26 7.24
N GLY A 84 -3.25 -1.38 6.86
CA GLY A 84 -2.38 -2.10 7.76
C GLY A 84 -1.28 -1.24 8.34
N PRO A 85 -0.45 -0.66 7.48
CA PRO A 85 0.62 0.21 7.98
C PRO A 85 0.11 1.46 8.71
N LEU A 86 -1.01 2.05 8.27
CA LEU A 86 -1.54 3.19 9.01
C LEU A 86 -2.03 2.78 10.40
N LYS A 87 -2.62 1.60 10.51
CA LYS A 87 -3.13 1.16 11.81
C LYS A 87 -1.99 0.99 12.81
N SER A 88 -0.88 0.40 12.35
CA SER A 88 0.31 0.28 13.19
C SER A 88 0.86 1.66 13.55
N TYR A 89 0.91 2.56 12.57
CA TYR A 89 1.33 3.93 12.85
C TYR A 89 0.44 4.57 13.93
N LEU A 90 -0.88 4.41 13.80
CA LEU A 90 -1.80 5.03 14.75
C LEU A 90 -1.65 4.44 16.16
N ASN A 91 -1.46 3.13 16.26
CA ASN A 91 -1.28 2.51 17.57
C ASN A 91 -0.02 3.02 18.26
N ARG A 92 1.04 3.28 17.50
CA ARG A 92 2.26 3.79 18.10
C ARG A 92 2.10 5.25 18.54
N TYR A 93 1.43 6.07 17.71
CA TYR A 93 1.13 7.44 18.12
C TYR A 93 0.36 7.49 19.44
N ARG A 94 -0.57 6.55 19.63
CA ARG A 94 -1.40 6.58 20.84
C ARG A 94 -0.66 6.08 22.07
N GLU A 95 0.31 5.19 21.90
CA GLU A 95 1.06 4.66 23.04
C GLU A 95 1.85 5.78 23.72
N GLN B 17 6.46 16.76 7.10
CA GLN B 17 6.29 16.43 5.68
C GLN B 17 5.07 17.15 5.09
N LEU B 18 3.94 17.13 5.83
CA LEU B 18 2.73 17.78 5.38
C LEU B 18 2.12 18.52 6.56
N PRO B 19 1.76 19.79 6.40
CA PRO B 19 1.37 20.61 7.56
C PRO B 19 0.01 20.21 8.11
N LEU B 20 -0.01 19.84 9.39
CA LEU B 20 -1.22 19.31 10.01
C LEU B 20 -2.36 20.32 9.98
N ALA B 21 -2.03 21.60 10.18
CA ALA B 21 -3.09 22.62 10.25
C ALA B 21 -3.83 22.72 8.93
N ARG B 22 -3.11 22.58 7.81
CA ARG B 22 -3.76 22.66 6.51
C ARG B 22 -4.64 21.44 6.27
N ILE B 23 -4.17 20.26 6.68
CA ILE B 23 -5.00 19.06 6.59
C ILE B 23 -6.29 19.25 7.37
N LYS B 24 -6.18 19.72 8.62
CA LYS B 24 -7.36 19.97 9.44
C LYS B 24 -8.32 20.95 8.75
N LYS B 25 -7.76 22.01 8.16
CA LYS B 25 -8.58 22.97 7.42
C LYS B 25 -9.35 22.29 6.29
N ILE B 26 -8.68 21.46 5.50
CA ILE B 26 -9.35 20.77 4.39
C ILE B 26 -10.39 19.82 4.94
N MET B 27 -10.07 19.12 6.04
CA MET B 27 -11.05 18.25 6.67
C MET B 27 -12.30 19.03 7.07
N LYS B 28 -12.12 20.23 7.63
CA LYS B 28 -13.23 20.98 8.21
C LYS B 28 -14.17 21.55 7.16
N ALA B 29 -13.82 21.46 5.88
CA ALA B 29 -14.73 21.85 4.79
C ALA B 29 -15.89 20.88 4.63
N ASP B 30 -15.87 19.78 5.36
CA ASP B 30 -16.87 18.71 5.30
C ASP B 30 -18.17 19.11 6.00
N GLU B 31 -19.25 18.44 5.62
CA GLU B 31 -20.58 18.80 6.14
C GLU B 31 -20.73 18.47 7.62
N ASP B 32 -20.49 17.22 8.01
CA ASP B 32 -20.71 16.75 9.38
C ASP B 32 -19.41 16.69 10.19
N VAL B 33 -18.41 17.52 9.86
CA VAL B 33 -17.04 17.27 10.30
C VAL B 33 -16.87 17.54 11.78
N ARG B 34 -17.55 18.53 12.33
CA ARG B 34 -17.65 18.75 13.79
C ARG B 34 -16.27 18.90 14.40
N MET B 35 -15.94 18.15 15.44
CA MET B 35 -14.62 18.16 16.08
C MET B 35 -13.74 17.10 15.45
N ILE B 36 -12.42 17.29 15.59
CA ILE B 36 -11.43 16.42 14.99
C ILE B 36 -10.38 16.12 16.04
N SER B 37 -10.18 14.84 16.31
CA SER B 37 -9.13 14.43 17.23
C SER B 37 -7.77 14.86 16.70
N ALA B 38 -6.83 15.10 17.62
CA ALA B 38 -5.49 15.48 17.20
C ALA B 38 -4.82 14.40 16.35
N GLU B 39 -5.06 13.13 16.68
CA GLU B 39 -4.43 12.04 15.96
C GLU B 39 -4.86 11.99 14.50
N ALA B 40 -6.04 12.54 14.17
CA ALA B 40 -6.59 12.34 12.83
C ALA B 40 -5.81 13.10 11.76
N PRO B 41 -5.46 14.38 11.94
CA PRO B 41 -4.58 15.02 10.95
C PRO B 41 -3.21 14.35 10.87
N VAL B 42 -2.70 13.84 11.99
CA VAL B 42 -1.42 13.13 11.98
C VAL B 42 -1.52 11.87 11.14
N LEU B 43 -2.57 11.07 11.38
CA LEU B 43 -2.75 9.85 10.59
C LEU B 43 -2.94 10.19 9.12
N PHE B 44 -3.68 11.27 8.86
CA PHE B 44 -3.96 11.74 7.48
C PHE B 44 -2.67 12.10 6.76
N ALA B 45 -1.77 12.81 7.45
CA ALA B 45 -0.50 13.20 6.86
C ALA B 45 0.21 11.99 6.28
N LYS B 46 0.20 10.89 7.03
CA LYS B 46 0.83 9.62 6.58
C LYS B 46 0.05 9.04 5.40
N ALA B 47 -1.29 9.06 5.48
CA ALA B 47 -2.16 8.51 4.42
C ALA B 47 -1.94 9.28 3.11
N CYS B 48 -1.85 10.61 3.19
CA CYS B 48 -1.64 11.46 1.99
C CYS B 48 -0.30 11.09 1.35
N GLU B 49 0.72 10.85 2.18
CA GLU B 49 2.04 10.40 1.68
C GLU B 49 1.87 9.09 0.91
N LEU B 50 1.16 8.10 1.49
CA LEU B 50 0.99 6.84 0.77
C LEU B 50 0.24 7.06 -0.54
N PHE B 51 -0.74 7.96 -0.52
CA PHE B 51 -1.55 8.22 -1.71
C PHE B 51 -0.70 8.90 -2.80
N ILE B 52 0.08 9.91 -2.43
CA ILE B 52 0.93 10.61 -3.40
C ILE B 52 1.92 9.65 -4.04
N LEU B 53 2.60 8.85 -3.22
CA LEU B 53 3.56 7.87 -3.72
C LEU B 53 2.94 6.92 -4.73
N GLU B 54 1.77 6.35 -4.41
CA GLU B 54 1.12 5.40 -5.31
C GLU B 54 0.61 6.08 -6.58
N LEU B 55 -0.02 7.25 -6.46
CA LEU B 55 -0.44 7.97 -7.66
C LEU B 55 0.76 8.31 -8.55
N THR B 56 1.87 8.72 -7.94
CA THR B 56 3.02 9.15 -8.73
C THR B 56 3.65 7.98 -9.48
N ILE B 57 3.84 6.83 -8.82
CA ILE B 57 4.50 5.71 -9.52
C ILE B 57 3.58 5.15 -10.61
N ARG B 58 2.27 5.11 -10.37
CA ARG B 58 1.36 4.67 -11.43
C ARG B 58 1.40 5.63 -12.61
N SER B 59 1.61 6.92 -12.35
CA SER B 59 1.69 7.88 -13.45
C SER B 59 2.99 7.70 -14.22
N TRP B 60 4.08 7.49 -13.50
CA TRP B 60 5.38 7.25 -14.12
C TRP B 60 5.32 6.08 -15.09
N LEU B 61 4.53 5.04 -14.78
CA LEU B 61 4.45 3.92 -15.71
C LEU B 61 3.93 4.37 -17.06
N HIS B 62 3.00 5.34 -17.08
CA HIS B 62 2.49 5.83 -18.37
C HIS B 62 3.54 6.70 -19.07
N ALA B 63 4.32 7.48 -18.32
CA ALA B 63 5.39 8.22 -18.97
C ALA B 63 6.40 7.28 -19.61
N GLU B 64 6.80 6.22 -18.90
CA GLU B 64 7.76 5.31 -19.51
C GLU B 64 7.16 4.56 -20.71
N GLU B 65 5.84 4.33 -20.73
CA GLU B 65 5.22 3.69 -21.90
C GLU B 65 5.26 4.62 -23.10
N ASN B 66 5.21 5.92 -22.86
CA ASN B 66 5.34 6.88 -23.94
C ASN B 66 6.78 7.32 -24.16
N LYS B 67 7.75 6.58 -23.60
CA LYS B 67 9.18 6.79 -23.84
C LYS B 67 9.62 8.18 -23.40
N ARG B 68 9.12 8.65 -22.25
CA ARG B 68 9.49 9.95 -21.71
C ARG B 68 10.10 9.81 -20.33
N ARG B 69 11.01 10.72 -20.00
CA ARG B 69 11.52 10.80 -18.63
C ARG B 69 10.91 11.96 -17.87
N THR B 70 9.92 12.66 -18.46
CA THR B 70 9.19 13.72 -17.78
C THR B 70 7.77 13.27 -17.47
N LEU B 71 7.41 13.30 -16.19
CA LEU B 71 6.06 13.00 -15.75
C LEU B 71 5.16 14.21 -16.05
N GLN B 72 4.10 13.99 -16.81
CA GLN B 72 3.23 15.04 -17.30
C GLN B 72 1.80 14.86 -16.77
N ARG B 73 0.98 15.89 -16.91
CA ARG B 73 -0.40 15.80 -16.40
C ARG B 73 -1.14 14.64 -17.05
N ASN B 74 -0.96 14.44 -18.36
CA ASN B 74 -1.66 13.36 -19.04
C ASN B 74 -1.27 11.99 -18.49
N ASP B 75 -0.08 11.88 -17.86
CA ASP B 75 0.30 10.62 -17.22
C ASP B 75 -0.52 10.38 -15.96
N VAL B 76 -0.74 11.43 -15.17
CA VAL B 76 -1.61 11.31 -14.00
C VAL B 76 -3.02 10.95 -14.45
N ALA B 77 -3.53 11.66 -15.46
CA ALA B 77 -4.87 11.35 -15.96
C ALA B 77 -4.94 9.90 -16.43
N ALA B 78 -3.91 9.41 -17.12
CA ALA B 78 -3.92 8.03 -17.59
C ALA B 78 -3.96 7.06 -16.41
N ALA B 79 -3.10 7.28 -15.40
CA ALA B 79 -3.10 6.40 -14.24
C ALA B 79 -4.45 6.42 -13.53
N ILE B 80 -5.06 7.59 -13.38
CA ILE B 80 -6.35 7.67 -12.71
C ILE B 80 -7.40 6.89 -13.49
N ALA B 81 -7.39 7.03 -14.81
CA ALA B 81 -8.40 6.41 -15.66
C ALA B 81 -8.34 4.89 -15.61
N ARG B 82 -7.18 4.31 -15.31
CA ARG B 82 -7.06 2.86 -15.36
C ARG B 82 -6.89 2.23 -13.98
N THR B 83 -7.11 3.01 -12.92
CA THR B 83 -7.00 2.50 -11.53
C THR B 83 -8.36 2.66 -10.84
N ASP B 84 -8.98 1.54 -10.44
CA ASP B 84 -10.34 1.54 -9.85
C ASP B 84 -10.40 2.35 -8.55
N VAL B 85 -9.34 2.30 -7.73
CA VAL B 85 -9.30 3.07 -6.45
C VAL B 85 -9.32 4.58 -6.71
N PHE B 86 -8.75 5.03 -7.83
CA PHE B 86 -8.70 6.47 -8.19
C PHE B 86 -9.95 6.91 -8.97
N ASP B 87 -10.99 6.06 -9.03
CA ASP B 87 -12.25 6.41 -9.74
C ASP B 87 -12.76 7.80 -9.30
N PHE B 88 -12.66 8.15 -8.02
CA PHE B 88 -13.15 9.42 -7.50
C PHE B 88 -12.43 10.62 -8.11
N LEU B 89 -11.32 10.41 -8.84
CA LEU B 89 -10.59 11.52 -9.45
C LEU B 89 -10.80 11.66 -10.96
N VAL B 90 -11.54 10.74 -11.60
CA VAL B 90 -11.59 10.69 -13.06
C VAL B 90 -12.13 11.98 -13.66
N ASP B 91 -13.01 12.68 -12.95
CA ASP B 91 -13.54 13.92 -13.51
C ASP B 91 -12.70 15.13 -13.17
N ILE B 92 -11.86 15.03 -12.14
CA ILE B 92 -10.92 16.10 -11.79
C ILE B 92 -9.78 16.16 -12.79
N VAL B 93 -9.26 15.00 -13.18
CA VAL B 93 -8.15 14.94 -14.11
C VAL B 93 -8.58 14.15 -15.34
N PRO B 94 -9.40 14.72 -16.22
CA PRO B 94 -9.74 14.01 -17.45
C PRO B 94 -8.53 13.93 -18.36
N ARG B 95 -8.49 12.85 -19.15
CA ARG B 95 -7.51 12.75 -20.21
C ARG B 95 -7.81 13.81 -21.28
N ARG C 9 10.01 -24.12 2.46
CA ARG C 9 9.05 -23.80 1.42
C ARG C 9 8.06 -22.74 1.88
N PHE C 10 7.77 -22.69 3.19
CA PHE C 10 6.84 -21.69 3.73
C PHE C 10 7.48 -20.97 4.91
N LEU C 11 7.09 -19.72 5.10
CA LEU C 11 7.39 -19.05 6.35
C LEU C 11 6.56 -19.69 7.47
N PRO C 12 7.11 -19.74 8.69
CA PRO C 12 6.40 -20.37 9.80
C PRO C 12 5.02 -19.77 10.00
N ILE C 13 4.04 -20.65 10.21
CA ILE C 13 2.66 -20.20 10.29
C ILE C 13 2.48 -19.25 11.45
N ALA C 14 3.22 -19.43 12.54
CA ALA C 14 3.07 -18.55 13.69
C ALA C 14 3.44 -17.11 13.33
N ASN C 15 4.51 -16.92 12.55
CA ASN C 15 4.89 -15.57 12.16
C ASN C 15 3.82 -14.94 11.26
N VAL C 16 3.26 -15.73 10.35
CA VAL C 16 2.22 -15.24 9.45
C VAL C 16 0.96 -14.91 10.23
N SER C 17 0.58 -15.79 11.15
CA SER C 17 -0.64 -15.60 11.94
C SER C 17 -0.54 -14.34 12.80
N ARG C 18 0.64 -14.05 13.33
CA ARG C 18 0.87 -12.83 14.10
C ARG C 18 0.56 -11.60 13.26
N ILE C 19 1.05 -11.56 12.03
CA ILE C 19 0.80 -10.39 11.21
C ILE C 19 -0.68 -10.31 10.84
N MET C 20 -1.30 -11.45 10.50
CA MET C 20 -2.73 -11.46 10.19
C MET C 20 -3.58 -10.84 11.29
N LYS C 21 -3.29 -11.16 12.56
CA LYS C 21 -4.17 -10.66 13.62
C LYS C 21 -3.99 -9.17 13.85
N ARG C 22 -2.80 -8.62 13.57
CA ARG C 22 -2.58 -7.18 13.72
C ARG C 22 -3.48 -6.36 12.81
N SER C 23 -3.98 -6.92 11.73
CA SER C 23 -4.83 -6.18 10.80
C SER C 23 -6.32 -6.29 11.12
N LEU C 24 -6.72 -7.20 12.00
CA LEU C 24 -8.13 -7.42 12.29
C LEU C 24 -8.52 -6.83 13.64
N PRO C 25 -9.82 -6.61 13.88
CA PRO C 25 -10.25 -6.22 15.24
C PRO C 25 -9.90 -7.31 16.23
N ALA C 26 -9.81 -6.92 17.50
CA ALA C 26 -9.39 -7.85 18.54
C ALA C 26 -10.38 -8.99 18.76
N ASN C 27 -11.64 -8.80 18.36
CA ASN C 27 -12.64 -9.85 18.54
C ASN C 27 -12.59 -10.90 17.43
N ALA C 28 -11.96 -10.59 16.30
CA ALA C 28 -11.96 -11.44 15.12
C ALA C 28 -11.31 -12.78 15.41
N LYS C 29 -11.78 -13.80 14.71
CA LYS C 29 -11.24 -15.15 14.79
C LYS C 29 -10.74 -15.58 13.42
N ILE C 30 -9.70 -16.43 13.41
CA ILE C 30 -9.04 -16.85 12.18
C ILE C 30 -8.90 -18.37 12.22
N SER C 31 -9.59 -19.05 11.31
CA SER C 31 -9.53 -20.51 11.24
C SER C 31 -8.14 -20.99 10.84
N LYS C 32 -7.80 -22.21 11.26
CA LYS C 32 -6.53 -22.80 10.85
C LYS C 32 -6.39 -22.82 9.33
N GLU C 33 -7.47 -23.14 8.62
CA GLU C 33 -7.41 -23.19 7.15
C GLU C 33 -7.08 -21.81 6.57
N ALA C 34 -7.57 -20.75 7.18
CA ALA C 34 -7.30 -19.41 6.67
C ALA C 34 -5.82 -19.07 6.87
N LYS C 35 -5.29 -19.35 8.06
CA LYS C 35 -3.87 -19.14 8.29
C LYS C 35 -3.03 -19.94 7.29
N GLU C 36 -3.39 -21.20 7.06
CA GLU C 36 -2.64 -22.02 6.12
C GLU C 36 -2.75 -21.50 4.70
N THR C 37 -3.91 -20.94 4.35
CA THR C 37 -4.09 -20.39 2.99
C THR C 37 -3.22 -19.16 2.78
N VAL C 38 -3.22 -18.24 3.75
CA VAL C 38 -2.38 -17.05 3.65
C VAL C 38 -0.90 -17.43 3.63
N GLN C 39 -0.51 -18.39 4.48
CA GLN C 39 0.86 -18.89 4.47
C GLN C 39 1.29 -19.32 3.07
N GLU C 40 0.42 -20.07 2.39
CA GLU C 40 0.72 -20.49 1.02
C GLU C 40 0.80 -19.29 0.07
N CYS C 41 -0.12 -18.33 0.21
CA CYS C 41 -0.10 -17.16 -0.66
C CYS C 41 1.17 -16.35 -0.51
N VAL C 42 1.70 -16.29 0.72
CA VAL C 42 2.90 -15.51 0.97
C VAL C 42 4.09 -16.11 0.22
N SER C 43 4.22 -17.45 0.24
CA SER C 43 5.29 -18.06 -0.52
C SER C 43 5.10 -17.81 -2.01
N GLU C 44 3.86 -17.89 -2.50
CA GLU C 44 3.61 -17.61 -3.90
C GLU C 44 3.95 -16.17 -4.23
N PHE C 45 3.62 -15.24 -3.33
CA PHE C 45 4.04 -13.85 -3.48
C PHE C 45 5.56 -13.75 -3.62
N ILE C 46 6.28 -14.42 -2.73
CA ILE C 46 7.73 -14.36 -2.80
C ILE C 46 8.23 -14.90 -4.13
N SER C 47 7.69 -16.05 -4.59
CA SER C 47 8.13 -16.64 -5.87
C SER C 47 7.79 -15.74 -7.05
N PHE C 48 6.57 -15.18 -7.05
CA PHE C 48 6.09 -14.26 -8.06
C PHE C 48 7.03 -13.07 -8.22
N VAL C 49 7.34 -12.37 -7.11
CA VAL C 49 8.23 -11.21 -7.17
C VAL C 49 9.68 -11.63 -7.48
N THR C 50 10.14 -12.73 -6.88
CA THR C 50 11.52 -13.16 -7.10
C THR C 50 11.80 -13.44 -8.58
N GLY C 51 10.85 -14.07 -9.28
CA GLY C 51 11.06 -14.37 -10.70
C GLY C 51 11.42 -13.13 -11.50
N GLU C 52 10.61 -12.07 -11.38
CA GLU C 52 10.91 -10.85 -12.13
C GLU C 52 12.24 -10.26 -11.71
N ALA C 53 12.56 -10.29 -10.41
CA ALA C 53 13.83 -9.72 -9.96
C ALA C 53 15.02 -10.52 -10.48
N SER C 54 14.98 -11.85 -10.38
CA SER C 54 16.12 -12.63 -10.86
C SER C 54 16.26 -12.53 -12.36
N ASP C 55 15.14 -12.46 -13.08
CA ASP C 55 15.21 -12.25 -14.53
C ASP C 55 15.91 -10.94 -14.86
N LYS C 56 15.55 -9.86 -14.16
CA LYS C 56 16.19 -8.57 -14.38
C LYS C 56 17.69 -8.63 -14.07
N CYS C 57 18.03 -9.23 -12.92
N CYS C 57 18.05 -9.19 -12.91
CA CYS C 57 19.43 -9.35 -12.50
CA CYS C 57 19.46 -9.31 -12.58
C CYS C 57 20.24 -10.18 -13.49
C CYS C 57 20.21 -10.12 -13.62
N GLN C 58 19.65 -11.28 -13.99
CA GLN C 58 20.32 -12.11 -14.99
C GLN C 58 20.53 -11.33 -16.28
N ARG C 59 19.52 -10.58 -16.70
CA ARG C 59 19.61 -9.84 -17.96
C ARG C 59 20.72 -8.81 -17.90
N GLU C 60 20.87 -8.13 -16.78
CA GLU C 60 21.92 -7.14 -16.61
C GLU C 60 23.28 -7.75 -16.30
N LYS C 61 23.41 -9.08 -16.44
CA LYS C 61 24.66 -9.81 -16.19
C LYS C 61 25.21 -9.51 -14.79
N ARG C 62 24.30 -9.47 -13.82
CA ARG C 62 24.60 -9.34 -12.41
C ARG C 62 24.31 -10.67 -11.74
N LYS C 63 25.05 -10.96 -10.67
CA LYS C 63 24.81 -12.20 -9.94
C LYS C 63 23.99 -12.00 -8.67
N THR C 64 23.85 -10.77 -8.19
CA THR C 64 23.31 -10.50 -6.85
C THR C 64 21.99 -9.74 -6.96
N ILE C 65 20.89 -10.35 -6.51
CA ILE C 65 19.61 -9.66 -6.45
C ILE C 65 19.65 -8.63 -5.33
N ASN C 66 19.21 -7.40 -5.59
CA ASN C 66 19.22 -6.42 -4.50
C ASN C 66 17.83 -5.85 -4.27
N GLY C 67 17.74 -4.87 -3.37
CA GLY C 67 16.46 -4.28 -3.04
C GLY C 67 15.80 -3.55 -4.20
N ASP C 68 16.60 -2.91 -5.06
CA ASP C 68 16.07 -2.22 -6.23
C ASP C 68 15.45 -3.19 -7.23
N ASP C 69 16.05 -4.38 -7.38
CA ASP C 69 15.47 -5.40 -8.25
C ASP C 69 14.10 -5.83 -7.73
N LEU C 70 13.96 -5.93 -6.41
CA LEU C 70 12.67 -6.32 -5.83
C LEU C 70 11.64 -5.23 -6.04
N LEU C 71 12.02 -3.96 -5.87
CA LEU C 71 11.06 -2.88 -6.06
C LEU C 71 10.62 -2.80 -7.53
N TRP C 72 11.56 -3.02 -8.45
CA TRP C 72 11.21 -3.03 -9.86
C TRP C 72 10.21 -4.12 -10.16
N ALA C 73 10.52 -5.33 -9.71
CA ALA C 73 9.60 -6.46 -9.85
C ALA C 73 8.23 -6.11 -9.29
N MET C 74 8.17 -5.54 -8.09
CA MET C 74 6.87 -5.30 -7.49
C MET C 74 6.08 -4.25 -8.26
N THR C 75 6.77 -3.24 -8.81
CA THR C 75 6.10 -2.25 -9.65
C THR C 75 5.50 -2.90 -10.89
N THR C 76 6.29 -3.74 -11.59
CA THR C 76 5.80 -4.42 -12.79
C THR C 76 4.59 -5.29 -12.49
N LEU C 77 4.55 -5.90 -11.30
CA LEU C 77 3.52 -6.87 -10.97
C LEU C 77 2.27 -6.25 -10.36
N GLY C 78 2.22 -4.93 -10.22
CA GLY C 78 1.01 -4.28 -9.79
C GLY C 78 0.91 -3.94 -8.32
N PHE C 79 2.02 -4.05 -7.58
CA PHE C 79 2.02 -3.68 -6.17
C PHE C 79 2.44 -2.24 -5.95
N GLU C 80 1.96 -1.33 -6.81
CA GLU C 80 2.38 0.07 -6.77
C GLU C 80 2.01 0.73 -5.45
N ALA C 81 0.94 0.27 -4.78
CA ALA C 81 0.65 0.82 -3.46
C ALA C 81 1.75 0.56 -2.43
N TYR C 82 2.58 -0.49 -2.59
CA TYR C 82 3.64 -0.77 -1.60
C TYR C 82 4.98 -0.15 -1.92
N VAL C 83 5.28 0.12 -3.18
CA VAL C 83 6.66 0.36 -3.57
C VAL C 83 7.19 1.67 -3.01
N GLY C 84 6.34 2.69 -2.90
CA GLY C 84 6.79 3.95 -2.33
C GLY C 84 7.31 3.81 -0.90
N PRO C 85 6.48 3.33 0.02
CA PRO C 85 6.98 3.11 1.39
C PRO C 85 8.11 2.10 1.44
N LEU C 86 8.13 1.08 0.57
CA LEU C 86 9.25 0.16 0.62
C LEU C 86 10.53 0.82 0.14
N LYS C 87 10.42 1.76 -0.80
CA LYS C 87 11.61 2.47 -1.28
C LYS C 87 12.21 3.35 -0.18
N SER C 88 11.36 4.04 0.59
CA SER C 88 11.91 4.85 1.68
C SER C 88 12.49 3.96 2.77
N TYR C 89 11.89 2.79 3.00
CA TYR C 89 12.42 1.82 3.96
C TYR C 89 13.81 1.35 3.55
N LEU C 90 13.96 0.94 2.28
CA LEU C 90 15.25 0.55 1.74
C LEU C 90 16.29 1.66 1.88
N ASN C 91 15.91 2.89 1.55
CA ASN C 91 16.86 4.00 1.65
C ASN C 91 17.31 4.20 3.09
N ARG C 92 16.37 4.05 4.04
CA ARG C 92 16.71 4.15 5.45
C ARG C 92 17.63 3.01 5.86
N TYR C 93 17.35 1.79 5.39
CA TYR C 93 18.25 0.68 5.64
C TYR C 93 19.67 0.98 5.15
N ARG C 94 19.79 1.69 4.04
CA ARG C 94 21.10 1.90 3.41
C ARG C 94 21.86 3.12 3.93
N GLU C 95 21.23 3.97 4.75
CA GLU C 95 21.74 5.33 4.96
C GLU C 95 22.84 5.47 6.00
N ASP D 12 13.40 0.57 11.98
CA ASP D 12 14.12 -0.54 12.61
C ASP D 12 14.24 -1.73 11.65
N PHE D 13 15.45 -2.25 11.51
CA PHE D 13 15.75 -3.28 10.52
C PHE D 13 16.28 -4.56 11.14
N LYS D 14 16.60 -4.55 12.42
CA LYS D 14 17.09 -5.71 13.13
C LYS D 14 16.02 -6.07 14.16
N ASN D 15 15.18 -7.05 13.83
CA ASN D 15 14.09 -7.49 14.71
C ASN D 15 13.86 -8.98 14.51
N HIS D 16 12.82 -9.51 15.17
CA HIS D 16 12.49 -10.92 15.08
C HIS D 16 11.18 -11.19 14.33
N GLN D 17 10.72 -10.25 13.50
CA GLN D 17 9.39 -10.35 12.90
C GLN D 17 9.28 -11.51 11.91
N LEU D 18 10.10 -11.51 10.87
CA LEU D 18 10.00 -12.56 9.87
C LEU D 18 11.38 -13.19 9.68
N PRO D 19 11.44 -14.50 9.46
CA PRO D 19 12.75 -15.14 9.28
C PRO D 19 13.32 -14.81 7.91
N LEU D 20 14.41 -14.04 7.88
CA LEU D 20 14.95 -13.56 6.61
C LEU D 20 15.60 -14.67 5.81
N ALA D 21 16.31 -15.59 6.48
CA ALA D 21 16.92 -16.71 5.78
C ALA D 21 15.86 -17.64 5.18
N ARG D 22 14.72 -17.81 5.86
CA ARG D 22 13.62 -18.57 5.27
C ARG D 22 13.09 -17.91 3.98
N ILE D 23 13.02 -16.58 3.95
CA ILE D 23 12.67 -15.88 2.70
C ILE D 23 13.70 -16.19 1.62
N LYS D 24 14.99 -16.17 1.97
CA LYS D 24 16.04 -16.53 1.01
C LYS D 24 15.86 -17.96 0.50
N LYS D 25 15.57 -18.89 1.42
CA LYS D 25 15.36 -20.28 1.00
C LYS D 25 14.25 -20.37 -0.04
N ILE D 26 13.16 -19.63 0.15
CA ILE D 26 12.08 -19.67 -0.84
C ILE D 26 12.52 -19.02 -2.15
N MET D 27 13.23 -17.89 -2.08
CA MET D 27 13.71 -17.26 -3.30
C MET D 27 14.60 -18.21 -4.09
N LYS D 28 15.44 -18.97 -3.39
CA LYS D 28 16.39 -19.85 -4.06
C LYS D 28 15.71 -21.02 -4.77
N ALA D 29 14.43 -21.29 -4.50
CA ALA D 29 13.71 -22.26 -5.32
C ALA D 29 13.57 -21.80 -6.77
N ASP D 30 13.83 -20.52 -7.07
CA ASP D 30 13.81 -20.02 -8.44
C ASP D 30 15.14 -20.33 -9.10
N GLU D 31 15.06 -20.95 -10.29
CA GLU D 31 16.24 -21.54 -10.91
C GLU D 31 17.33 -20.51 -11.20
N ASP D 32 16.95 -19.33 -11.67
CA ASP D 32 17.91 -18.34 -12.12
C ASP D 32 18.43 -17.44 -11.01
N VAL D 33 18.02 -17.68 -9.76
CA VAL D 33 18.60 -16.96 -8.63
C VAL D 33 20.00 -17.52 -8.38
N ARG D 34 20.96 -16.62 -8.18
CA ARG D 34 22.30 -17.03 -7.79
C ARG D 34 22.62 -16.46 -6.41
N MET D 35 23.11 -15.23 -6.33
CA MET D 35 23.37 -14.61 -5.03
C MET D 35 22.29 -13.61 -4.70
N ILE D 36 22.07 -13.40 -3.41
CA ILE D 36 21.02 -12.52 -2.88
C ILE D 36 21.68 -11.55 -1.92
N SER D 37 21.50 -10.25 -2.16
CA SER D 37 22.10 -9.21 -1.33
C SER D 37 21.57 -9.29 0.10
N ALA D 38 22.38 -8.78 1.04
CA ALA D 38 21.97 -8.77 2.44
C ALA D 38 20.72 -7.93 2.65
N GLU D 39 20.57 -6.84 1.89
CA GLU D 39 19.42 -5.95 2.06
C GLU D 39 18.13 -6.54 1.50
N ALA D 40 18.22 -7.48 0.57
CA ALA D 40 17.06 -7.92 -0.19
C ALA D 40 16.05 -8.66 0.69
N PRO D 41 16.47 -9.58 1.56
CA PRO D 41 15.50 -10.19 2.48
C PRO D 41 14.88 -9.20 3.46
N VAL D 42 15.63 -8.19 3.89
CA VAL D 42 15.05 -7.18 4.78
C VAL D 42 13.92 -6.44 4.07
N LEU D 43 14.18 -5.99 2.85
CA LEU D 43 13.13 -5.34 2.06
C LEU D 43 11.98 -6.30 1.82
N PHE D 44 12.31 -7.55 1.47
CA PHE D 44 11.29 -8.58 1.15
C PHE D 44 10.39 -8.85 2.36
N ALA D 45 10.98 -8.93 3.55
CA ALA D 45 10.14 -9.20 4.73
C ALA D 45 9.13 -8.08 4.94
N LYS D 46 9.54 -6.84 4.66
CA LYS D 46 8.62 -5.68 4.79
C LYS D 46 7.50 -5.82 3.75
N ALA D 47 7.86 -6.23 2.53
CA ALA D 47 6.87 -6.41 1.44
C ALA D 47 5.88 -7.51 1.82
N CYS D 48 6.38 -8.60 2.41
CA CYS D 48 5.49 -9.71 2.83
C CYS D 48 4.52 -9.21 3.89
N GLU D 49 5.00 -8.39 4.82
CA GLU D 49 4.13 -7.82 5.88
C GLU D 49 3.00 -7.02 5.21
N LEU D 50 3.33 -6.14 4.26
CA LEU D 50 2.29 -5.34 3.63
C LEU D 50 1.32 -6.23 2.86
N PHE D 51 1.83 -7.26 2.20
CA PHE D 51 0.98 -8.19 1.46
C PHE D 51 0.04 -8.94 2.41
N ILE D 52 0.57 -9.48 3.50
CA ILE D 52 -0.28 -10.20 4.46
C ILE D 52 -1.35 -9.27 5.03
N LEU D 53 -0.96 -8.06 5.42
CA LEU D 53 -1.92 -7.12 6.00
C LEU D 53 -3.04 -6.82 5.01
N GLU D 54 -2.72 -6.57 3.74
CA GLU D 54 -3.77 -6.23 2.77
C GLU D 54 -4.65 -7.42 2.47
N LEU D 55 -4.05 -8.59 2.23
CA LEU D 55 -4.87 -9.78 1.95
C LEU D 55 -5.78 -10.12 3.14
N THR D 56 -5.27 -9.97 4.35
CA THR D 56 -6.11 -10.33 5.50
C THR D 56 -7.27 -9.37 5.63
N ILE D 57 -7.04 -8.06 5.46
CA ILE D 57 -8.13 -7.10 5.62
C ILE D 57 -9.17 -7.27 4.52
N ARG D 58 -8.74 -7.53 3.28
CA ARG D 58 -9.71 -7.77 2.22
C ARG D 58 -10.49 -9.07 2.48
N SER D 59 -9.84 -10.06 3.10
CA SER D 59 -10.57 -11.28 3.45
C SER D 59 -11.54 -11.04 4.60
N TRP D 60 -11.16 -10.16 5.54
CA TRP D 60 -12.05 -9.85 6.65
C TRP D 60 -13.34 -9.21 6.16
N LEU D 61 -13.24 -8.38 5.12
CA LEU D 61 -14.44 -7.72 4.59
C LEU D 61 -15.48 -8.73 4.13
N HIS D 62 -15.04 -9.79 3.45
CA HIS D 62 -15.99 -10.78 2.97
C HIS D 62 -16.64 -11.52 4.13
N ALA D 63 -15.87 -11.81 5.19
CA ALA D 63 -16.46 -12.44 6.37
C ALA D 63 -17.53 -11.54 6.98
N GLU D 64 -17.28 -10.23 7.04
CA GLU D 64 -18.29 -9.28 7.54
C GLU D 64 -19.54 -9.32 6.68
N GLU D 65 -19.37 -9.35 5.35
CA GLU D 65 -20.52 -9.38 4.45
C GLU D 65 -21.44 -10.54 4.76
N ASN D 66 -20.89 -11.63 5.30
CA ASN D 66 -21.67 -12.79 5.66
C ASN D 66 -21.91 -12.87 7.16
N LYS D 67 -21.83 -11.72 7.85
CA LYS D 67 -22.21 -11.60 9.26
C LYS D 67 -21.43 -12.58 10.13
N ARG D 68 -20.18 -12.80 9.77
CA ARG D 68 -19.37 -13.84 10.37
C ARG D 68 -18.15 -13.22 11.02
N ARG D 69 -17.85 -13.65 12.25
CA ARG D 69 -16.71 -13.12 12.97
C ARG D 69 -15.47 -14.00 12.85
N THR D 70 -15.55 -15.09 12.08
CA THR D 70 -14.40 -15.97 11.88
C THR D 70 -13.92 -15.86 10.43
N LEU D 71 -12.62 -15.63 10.28
CA LEU D 71 -11.99 -15.56 8.97
C LEU D 71 -11.70 -16.97 8.50
N GLN D 72 -12.22 -17.35 7.34
CA GLN D 72 -12.08 -18.71 6.84
C GLN D 72 -11.48 -18.71 5.44
N ARG D 73 -11.10 -19.91 4.99
CA ARG D 73 -10.48 -20.04 3.68
C ARG D 73 -11.35 -19.46 2.57
N ASN D 74 -12.68 -19.57 2.70
CA ASN D 74 -13.53 -19.05 1.62
C ASN D 74 -13.51 -17.52 1.57
N ASP D 75 -13.21 -16.86 2.70
CA ASP D 75 -13.05 -15.42 2.67
C ASP D 75 -11.75 -15.03 1.97
N VAL D 76 -10.69 -15.81 2.15
CA VAL D 76 -9.45 -15.54 1.43
C VAL D 76 -9.63 -15.76 -0.06
N ALA D 77 -10.28 -16.88 -0.42
CA ALA D 77 -10.57 -17.17 -1.83
C ALA D 77 -11.40 -16.07 -2.45
N ALA D 78 -12.40 -15.57 -1.73
CA ALA D 78 -13.24 -14.48 -2.22
C ALA D 78 -12.40 -13.22 -2.47
N ALA D 79 -11.59 -12.82 -1.49
CA ALA D 79 -10.78 -11.61 -1.64
C ALA D 79 -9.85 -11.72 -2.84
N ILE D 80 -9.29 -12.90 -3.07
CA ILE D 80 -8.42 -13.12 -4.22
C ILE D 80 -9.19 -12.93 -5.52
N ALA D 81 -10.42 -13.46 -5.59
CA ALA D 81 -11.22 -13.38 -6.81
C ALA D 81 -11.64 -11.95 -7.12
N ARG D 82 -11.75 -11.09 -6.11
CA ARG D 82 -12.27 -9.74 -6.28
C ARG D 82 -11.20 -8.70 -6.59
N THR D 83 -9.92 -9.04 -6.47
CA THR D 83 -8.86 -8.04 -6.52
C THR D 83 -7.88 -8.39 -7.64
N ASP D 84 -7.81 -7.53 -8.65
CA ASP D 84 -6.95 -7.72 -9.85
C ASP D 84 -5.49 -8.01 -9.45
N VAL D 85 -5.00 -7.36 -8.39
CA VAL D 85 -3.57 -7.54 -7.96
C VAL D 85 -3.31 -8.97 -7.45
N PHE D 86 -4.32 -9.67 -6.94
CA PHE D 86 -4.15 -11.06 -6.45
C PHE D 86 -4.48 -12.10 -7.54
N ASP D 87 -4.63 -11.69 -8.80
CA ASP D 87 -4.97 -12.61 -9.88
C ASP D 87 -4.04 -13.82 -9.91
N PHE D 88 -2.76 -13.61 -9.62
CA PHE D 88 -1.79 -14.71 -9.64
C PHE D 88 -2.09 -15.78 -8.60
N LEU D 89 -2.95 -15.51 -7.61
CA LEU D 89 -3.32 -16.48 -6.60
C LEU D 89 -4.61 -17.24 -6.93
N VAL D 90 -5.26 -16.93 -8.05
CA VAL D 90 -6.63 -17.42 -8.30
C VAL D 90 -6.69 -18.94 -8.29
N ASP D 91 -5.67 -19.61 -8.82
CA ASP D 91 -5.67 -21.06 -8.85
C ASP D 91 -4.82 -21.67 -7.74
N ILE D 92 -4.22 -20.84 -6.90
CA ILE D 92 -3.73 -21.35 -5.62
C ILE D 92 -4.89 -21.49 -4.65
N VAL D 93 -5.89 -20.62 -4.77
CA VAL D 93 -7.06 -20.63 -3.89
C VAL D 93 -8.33 -20.55 -4.71
N PRO D 94 -8.79 -21.65 -5.31
CA PRO D 94 -10.06 -21.62 -6.02
C PRO D 94 -11.24 -21.47 -5.05
N ARG D 95 -12.27 -20.76 -5.49
CA ARG D 95 -13.48 -20.60 -4.69
C ARG D 95 -14.54 -21.64 -5.10
#